data_4IMG
#
_entry.id   4IMG
#
_cell.length_a   82.202
_cell.length_b   149.997
_cell.length_c   112.456
_cell.angle_alpha   90.000
_cell.angle_beta   90.000
_cell.angle_gamma   90.000
#
_symmetry.space_group_name_H-M   'C 2 2 21'
#
loop_
_entity.id
_entity.type
_entity.pdbx_description
1 polymer 'N-acetylneuraminate lyase'
2 non-polymer '3,5-dideoxy-5-[(hydroxyacetyl)amino]-D-glycero-D-galacto-non-2-ulosonic acid'
3 non-polymer 1-ETHOXY-2-(2-METHOXYETHOXY)ETHANE
4 water water
#
_entity_poly.entity_id   1
_entity_poly.type   'polypeptide(L)'
_entity_poly.pdbx_seq_one_letter_code
;MKNLKGIFSALLVSFNADGSINEKGLRQIVRYNIDKMKVDGLYVGGSTGENFMLSTEEKKEIFRIAKDEAKDEIALIAQV
GSVNLQEAIELGKYATELGYDSLSAVTPFYYKFSFPEIKHYYDSIIEATGNYMIVYSIPFLTGVNIGVEQFGELYKNPKV
LGVAFTAGDFYLLERLKKAYPNHLIWAGFDEMMLPAASLGVDGAIGSTFNVNGVRARQIFELTQAGKLKEALEIQHVTND
LIEGILANGLYLTIKELLKLDGVEAGYCREPMTKELSSEKVAFAKELKAKYLS
;
_entity_poly.pdbx_strand_id   A,B
#
loop_
_chem_comp.id
_chem_comp.type
_chem_comp.name
_chem_comp.formula
ME2 non-polymer 1-ETHOXY-2-(2-METHOXYETHOXY)ETHANE 'C7 H16 O3'
NGF D-saccharide '3,5-dideoxy-5-[(hydroxyacetyl)amino]-D-glycero-D-galacto-non-2-ulosonic acid' 'C11 H19 N O10'
#
# COMPACT_ATOMS: atom_id res chain seq x y z
N MET A 1 -23.65 15.10 16.50
CA MET A 1 -23.33 14.44 15.20
C MET A 1 -24.54 13.64 14.75
N LYS A 2 -24.76 13.57 13.43
CA LYS A 2 -25.75 12.64 12.85
C LYS A 2 -25.55 11.22 13.33
N ASN A 3 -26.65 10.50 13.43
CA ASN A 3 -26.66 9.09 13.78
C ASN A 3 -25.85 8.31 12.75
N LEU A 4 -24.86 7.54 13.19
CA LEU A 4 -24.02 6.79 12.25
C LEU A 4 -24.34 5.29 12.17
N LYS A 5 -25.48 4.87 12.73
CA LYS A 5 -25.90 3.46 12.67
C LYS A 5 -26.54 3.06 11.36
N GLY A 6 -26.59 1.75 11.09
CA GLY A 6 -27.32 1.19 9.95
C GLY A 6 -26.47 0.92 8.72
N ILE A 7 -27.07 1.11 7.54
CA ILE A 7 -26.53 0.66 6.24
C ILE A 7 -25.76 1.76 5.49
N PHE A 8 -24.44 1.55 5.26
CA PHE A 8 -23.59 2.48 4.50
C PHE A 8 -23.04 1.78 3.28
N SER A 9 -23.39 2.24 2.08
CA SER A 9 -22.71 1.76 0.89
C SER A 9 -21.31 2.34 0.91
N ALA A 10 -20.34 1.48 0.57
CA ALA A 10 -18.97 1.91 0.29
C ALA A 10 -19.00 2.44 -1.17
N LEU A 11 -18.87 3.76 -1.28
CA LEU A 11 -19.17 4.41 -2.54
C LEU A 11 -18.15 4.02 -3.64
N LEU A 12 -18.70 3.53 -4.75
CA LEU A 12 -17.94 3.32 -5.99
C LEU A 12 -17.82 4.65 -6.72
N VAL A 13 -16.76 4.76 -7.52
CA VAL A 13 -16.54 5.96 -8.28
C VAL A 13 -16.58 5.64 -9.81
N SER A 14 -17.28 6.50 -10.57
CA SER A 14 -17.25 6.46 -12.05
C SER A 14 -15.94 7.05 -12.62
N PHE A 15 -15.19 6.23 -13.34
CA PHE A 15 -14.01 6.71 -14.02
C PHE A 15 -14.21 6.74 -15.54
N ASN A 16 -13.52 7.71 -16.17
CA ASN A 16 -13.48 7.80 -17.65
C ASN A 16 -12.46 6.78 -18.13
N ALA A 17 -12.44 6.49 -19.42
CA ALA A 17 -11.48 5.57 -20.01
C ALA A 17 -10.03 5.96 -19.75
N ASP A 18 -9.74 7.24 -19.61
CA ASP A 18 -8.37 7.65 -19.25
C ASP A 18 -8.03 7.61 -17.78
N GLY A 19 -8.96 7.17 -16.95
CA GLY A 19 -8.74 7.11 -15.50
C GLY A 19 -9.22 8.32 -14.69
N SER A 20 -9.62 9.41 -15.36
CA SER A 20 -10.15 10.60 -14.70
C SER A 20 -11.52 10.32 -14.13
N ILE A 21 -11.87 11.05 -13.07
CA ILE A 21 -13.20 10.98 -12.46
C ILE A 21 -14.25 11.48 -13.43
N ASN A 22 -15.31 10.73 -13.56
CA ASN A 22 -16.45 11.20 -14.33
C ASN A 22 -17.43 11.73 -13.29
N GLU A 23 -17.48 13.05 -13.15
CA GLU A 23 -18.32 13.70 -12.15
C GLU A 23 -19.80 13.36 -12.34
N LYS A 24 -20.29 13.42 -13.56
CA LYS A 24 -21.68 13.13 -13.78
C LYS A 24 -22.06 11.72 -13.32
N GLY A 25 -21.22 10.74 -13.62
CA GLY A 25 -21.50 9.38 -13.18
C GLY A 25 -21.36 9.23 -11.67
N LEU A 26 -20.35 9.85 -11.08
CA LEU A 26 -20.19 9.79 -9.60
C LEU A 26 -21.48 10.34 -8.92
N ARG A 27 -21.97 11.47 -9.40
CA ARG A 27 -23.22 12.03 -8.85
C ARG A 27 -24.38 11.09 -9.01
N GLN A 28 -24.47 10.43 -10.17
CA GLN A 28 -25.49 9.38 -10.37
C GLN A 28 -25.39 8.20 -9.40
N ILE A 29 -24.18 7.73 -9.14
CA ILE A 29 -23.98 6.67 -8.12
C ILE A 29 -24.43 7.14 -6.72
N VAL A 30 -24.09 8.37 -6.37
CA VAL A 30 -24.52 8.92 -5.07
C VAL A 30 -26.03 8.94 -5.00
N ARG A 31 -26.64 9.50 -6.05
CA ARG A 31 -28.10 9.66 -6.04
C ARG A 31 -28.78 8.30 -6.00
N TYR A 32 -28.22 7.33 -6.71
CA TYR A 32 -28.85 5.99 -6.75
C TYR A 32 -28.79 5.39 -5.34
N ASN A 33 -27.65 5.56 -4.66
CA ASN A 33 -27.58 5.04 -3.29
C ASN A 33 -28.56 5.69 -2.32
N ILE A 34 -28.68 7.02 -2.38
CA ILE A 34 -29.68 7.72 -1.55
C ILE A 34 -31.10 7.36 -1.90
N ASP A 35 -31.46 7.49 -3.19
CA ASP A 35 -32.88 7.43 -3.56
C ASP A 35 -33.42 6.03 -3.75
N LYS A 36 -32.58 5.12 -4.24
CA LYS A 36 -33.00 3.78 -4.63
C LYS A 36 -32.54 2.70 -3.62
N MET A 37 -31.28 2.76 -3.20
CA MET A 37 -30.78 1.80 -2.20
C MET A 37 -31.22 2.24 -0.81
N LYS A 38 -31.74 3.47 -0.70
CA LYS A 38 -32.18 4.02 0.60
C LYS A 38 -31.20 3.82 1.76
N VAL A 39 -29.90 4.08 1.48
CA VAL A 39 -28.88 3.91 2.47
C VAL A 39 -29.05 4.92 3.60
N ASP A 40 -28.54 4.57 4.78
CA ASP A 40 -28.34 5.54 5.85
C ASP A 40 -27.17 6.49 5.60
N GLY A 41 -26.16 6.05 4.86
CA GLY A 41 -24.98 6.88 4.73
C GLY A 41 -24.07 6.30 3.69
N LEU A 42 -23.00 7.04 3.38
CA LEU A 42 -22.03 6.56 2.40
C LEU A 42 -20.67 6.58 3.06
N TYR A 43 -19.91 5.56 2.79
CA TYR A 43 -18.53 5.51 3.21
C TYR A 43 -17.68 5.84 1.96
N VAL A 44 -16.98 7.00 2.02
CA VAL A 44 -16.43 7.57 0.82
C VAL A 44 -14.93 7.45 0.88
N GLY A 45 -14.32 7.01 -0.19
CA GLY A 45 -12.85 6.92 -0.13
C GLY A 45 -12.29 5.61 0.38
N GLY A 46 -13.11 4.57 0.45
CA GLY A 46 -12.60 3.29 1.03
C GLY A 46 -12.04 2.44 -0.10
N SER A 47 -11.76 1.17 0.18
CA SER A 47 -11.21 0.24 -0.82
C SER A 47 -12.12 0.14 -2.07
N THR A 48 -13.45 0.13 -1.82
CA THR A 48 -14.47 0.05 -2.94
C THR A 48 -14.40 1.25 -3.90
N GLY A 49 -14.01 2.39 -3.39
CA GLY A 49 -13.91 3.60 -4.22
C GLY A 49 -12.64 3.62 -5.06
N GLU A 50 -11.90 2.50 -5.05
CA GLU A 50 -10.65 2.40 -5.82
C GLU A 50 -9.65 3.48 -5.39
N ASN A 51 -9.81 3.89 -4.14
CA ASN A 51 -9.14 5.04 -3.56
C ASN A 51 -7.64 4.96 -3.57
N PHE A 52 -7.14 3.76 -3.29
CA PHE A 52 -5.71 3.60 -3.13
C PHE A 52 -4.93 3.68 -4.44
N MET A 53 -5.64 3.62 -5.58
CA MET A 53 -5.03 3.88 -6.88
C MET A 53 -5.02 5.34 -7.35
N LEU A 54 -5.50 6.27 -6.53
CA LEU A 54 -5.73 7.67 -6.95
C LEU A 54 -4.76 8.65 -6.33
N SER A 55 -4.69 9.87 -6.90
CA SER A 55 -3.77 10.96 -6.45
C SER A 55 -4.51 11.70 -5.34
N THR A 56 -3.79 12.50 -4.58
CA THR A 56 -4.44 13.31 -3.53
C THR A 56 -5.53 14.23 -4.13
N GLU A 57 -5.24 14.86 -5.26
CA GLU A 57 -6.19 15.77 -5.87
C GLU A 57 -7.47 15.06 -6.24
N GLU A 58 -7.31 13.83 -6.73
CA GLU A 58 -8.45 13.02 -7.11
C GLU A 58 -9.30 12.62 -5.92
N LYS A 59 -8.65 12.19 -4.81
CA LYS A 59 -9.40 11.87 -3.57
C LYS A 59 -10.20 13.11 -3.09
N LYS A 60 -9.61 14.28 -3.19
CA LYS A 60 -10.35 15.51 -2.77
C LYS A 60 -11.57 15.73 -3.62
N GLU A 61 -11.37 15.57 -4.93
CA GLU A 61 -12.44 15.81 -5.87
C GLU A 61 -13.59 14.88 -5.60
N ILE A 62 -13.30 13.59 -5.36
CA ILE A 62 -14.38 12.67 -4.93
C ILE A 62 -15.06 13.11 -3.64
N PHE A 63 -14.29 13.53 -2.65
CA PHE A 63 -14.93 13.97 -1.44
C PHE A 63 -15.84 15.19 -1.68
N ARG A 64 -15.35 16.09 -2.52
CA ARG A 64 -16.07 17.35 -2.76
C ARG A 64 -17.40 17.05 -3.50
N ILE A 65 -17.32 16.21 -4.55
CA ILE A 65 -18.49 15.89 -5.35
C ILE A 65 -19.53 15.12 -4.53
N ALA A 66 -19.05 14.11 -3.76
CA ALA A 66 -19.96 13.23 -3.00
C ALA A 66 -20.71 14.08 -1.99
N LYS A 67 -19.99 15.00 -1.34
CA LYS A 67 -20.61 15.87 -0.31
C LYS A 67 -21.56 16.89 -1.00
N ASP A 68 -21.15 17.44 -2.13
CA ASP A 68 -22.03 18.38 -2.87
C ASP A 68 -23.34 17.71 -3.32
N GLU A 69 -23.25 16.47 -3.81
CA GLU A 69 -24.42 15.74 -4.22
C GLU A 69 -25.32 15.28 -3.06
N ALA A 70 -24.72 14.76 -1.99
CA ALA A 70 -25.50 14.18 -0.87
C ALA A 70 -26.08 15.26 0.00
N LYS A 71 -25.37 16.40 0.06
CA LYS A 71 -25.67 17.47 0.99
C LYS A 71 -25.82 16.91 2.42
N ASP A 72 -27.02 17.06 2.99
CA ASP A 72 -27.32 16.64 4.37
C ASP A 72 -28.32 15.54 4.43
N GLU A 73 -28.57 14.90 3.31
CA GLU A 73 -29.64 13.95 3.30
C GLU A 73 -29.27 12.65 4.00
N ILE A 74 -27.98 12.30 4.04
CA ILE A 74 -27.56 11.06 4.69
C ILE A 74 -26.28 11.33 5.51
N ALA A 75 -25.86 10.35 6.31
CA ALA A 75 -24.54 10.43 7.00
C ALA A 75 -23.42 10.16 6.00
N LEU A 76 -22.25 10.76 6.26
CA LEU A 76 -21.11 10.63 5.35
C LEU A 76 -19.86 10.44 6.16
N ILE A 77 -19.12 9.41 5.82
CA ILE A 77 -17.89 9.09 6.51
C ILE A 77 -16.79 9.13 5.47
N ALA A 78 -15.71 9.83 5.80
CA ALA A 78 -14.63 9.97 4.84
C ALA A 78 -13.43 9.12 5.22
N GLN A 79 -13.09 8.14 4.37
CA GLN A 79 -11.91 7.30 4.66
C GLN A 79 -10.73 8.07 4.11
N VAL A 80 -9.87 8.51 5.00
CA VAL A 80 -8.72 9.33 4.59
C VAL A 80 -7.35 8.65 4.79
N GLY A 81 -7.33 7.45 5.39
CA GLY A 81 -6.02 6.83 5.66
C GLY A 81 -5.24 6.36 4.47
N SER A 82 -3.96 6.10 4.70
CA SER A 82 -3.04 5.49 3.70
C SER A 82 -1.71 5.28 4.36
N VAL A 83 -0.73 4.95 3.55
CA VAL A 83 0.64 4.75 4.10
C VAL A 83 1.21 6.14 4.40
N ASN A 84 0.59 7.18 3.80
CA ASN A 84 1.13 8.56 3.86
C ASN A 84 0.44 9.36 4.95
N LEU A 85 1.06 9.54 6.13
CA LEU A 85 0.28 10.25 7.21
C LEU A 85 0.03 11.71 6.84
N GLN A 86 0.97 12.33 6.14
CA GLN A 86 0.77 13.72 5.80
CA GLN A 86 0.81 13.72 5.75
C GLN A 86 -0.40 13.88 4.82
N GLU A 87 -0.57 12.92 3.92
CA GLU A 87 -1.73 12.92 3.05
C GLU A 87 -2.98 12.67 3.85
N ALA A 88 -2.93 11.72 4.79
CA ALA A 88 -4.15 11.42 5.59
C ALA A 88 -4.60 12.67 6.36
N ILE A 89 -3.65 13.43 6.89
CA ILE A 89 -3.97 14.70 7.61
C ILE A 89 -4.61 15.75 6.67
N GLU A 90 -3.98 15.93 5.52
CA GLU A 90 -4.47 16.87 4.51
C GLU A 90 -5.90 16.55 4.08
N LEU A 91 -6.15 15.29 3.70
CA LEU A 91 -7.48 14.80 3.34
C LEU A 91 -8.44 14.88 4.50
N GLY A 92 -7.94 14.58 5.68
CA GLY A 92 -8.76 14.63 6.86
C GLY A 92 -9.24 16.05 7.16
N LYS A 93 -8.34 17.03 7.07
CA LYS A 93 -8.75 18.47 7.22
C LYS A 93 -9.76 18.93 6.17
N TYR A 94 -9.52 18.48 4.96
CA TYR A 94 -10.37 18.83 3.84
C TYR A 94 -11.79 18.26 4.06
N ALA A 95 -11.89 16.96 4.35
CA ALA A 95 -13.21 16.35 4.49
C ALA A 95 -13.95 16.86 5.73
N THR A 96 -13.17 17.16 6.76
CA THR A 96 -13.69 17.84 7.94
C THR A 96 -14.22 19.22 7.58
N GLU A 97 -13.46 20.02 6.84
CA GLU A 97 -13.99 21.33 6.38
C GLU A 97 -15.23 21.18 5.57
N LEU A 98 -15.33 20.09 4.79
CA LEU A 98 -16.53 19.88 3.95
C LEU A 98 -17.78 19.45 4.73
N GLY A 99 -17.61 19.11 6.01
CA GLY A 99 -18.73 18.75 6.91
C GLY A 99 -18.95 17.23 7.01
N TYR A 100 -17.96 16.42 6.59
CA TYR A 100 -18.11 14.95 6.75
C TYR A 100 -18.32 14.61 8.22
N ASP A 101 -19.32 13.74 8.49
CA ASP A 101 -19.69 13.37 9.86
C ASP A 101 -18.65 12.70 10.75
N SER A 102 -17.76 11.91 10.14
CA SER A 102 -16.63 11.32 10.85
C SER A 102 -15.59 11.06 9.79
N LEU A 103 -14.35 10.92 10.21
CA LEU A 103 -13.32 10.38 9.38
C LEU A 103 -13.18 8.87 9.69
N SER A 104 -12.52 8.13 8.78
CA SER A 104 -12.14 6.77 9.04
C SER A 104 -10.73 6.63 8.41
N ALA A 105 -9.96 5.71 8.95
CA ALA A 105 -8.61 5.56 8.41
C ALA A 105 -8.21 4.10 8.50
N VAL A 106 -7.80 3.54 7.33
CA VAL A 106 -7.22 2.18 7.23
C VAL A 106 -5.95 2.15 8.11
N THR A 107 -5.67 1.01 8.73
CA THR A 107 -4.41 0.89 9.45
C THR A 107 -3.31 1.10 8.40
N PRO A 108 -2.25 1.86 8.74
CA PRO A 108 -1.21 2.09 7.75
C PRO A 108 -0.65 0.69 7.36
N PHE A 109 -0.37 0.49 6.06
CA PHE A 109 0.08 -0.82 5.50
C PHE A 109 1.40 -0.77 4.75
N TYR A 110 1.73 -1.88 4.06
CA TYR A 110 2.95 -2.03 3.33
C TYR A 110 4.11 -2.29 4.31
N TYR A 111 4.54 -1.23 4.98
CA TYR A 111 5.57 -1.37 6.02
C TYR A 111 4.91 -2.09 7.18
N LYS A 112 5.72 -2.81 7.96
CA LYS A 112 5.23 -3.54 9.12
C LYS A 112 5.25 -2.64 10.37
N PHE A 113 4.31 -1.70 10.41
CA PHE A 113 4.23 -0.76 11.50
C PHE A 113 3.95 -1.41 12.82
N SER A 114 4.62 -0.91 13.87
CA SER A 114 4.35 -1.44 15.21
C SER A 114 2.99 -0.88 15.73
N PHE A 115 2.48 -1.50 16.76
CA PHE A 115 1.22 -0.99 17.28
C PHE A 115 1.29 0.46 17.80
N PRO A 116 2.35 0.81 18.57
CA PRO A 116 2.49 2.25 18.97
C PRO A 116 2.52 3.21 17.75
N GLU A 117 3.19 2.82 16.68
CA GLU A 117 3.16 3.60 15.42
C GLU A 117 1.75 3.78 14.85
N ILE A 118 1.04 2.66 14.79
CA ILE A 118 -0.38 2.67 14.36
C ILE A 118 -1.25 3.57 15.24
N LYS A 119 -1.16 3.44 16.56
CA LYS A 119 -1.89 4.33 17.44
C LYS A 119 -1.48 5.79 17.23
N HIS A 120 -0.16 6.05 17.08
CA HIS A 120 0.21 7.46 16.91
C HIS A 120 -0.36 8.07 15.61
N TYR A 121 -0.48 7.23 14.60
CA TYR A 121 -1.05 7.60 13.33
C TYR A 121 -2.51 8.05 13.59
N TYR A 122 -3.28 7.23 14.28
CA TYR A 122 -4.68 7.61 14.58
C TYR A 122 -4.75 8.89 15.40
N ASP A 123 -3.91 8.99 16.44
CA ASP A 123 -3.95 10.11 17.33
C ASP A 123 -3.53 11.39 16.60
N SER A 124 -2.61 11.30 15.66
CA SER A 124 -2.21 12.47 14.86
C SER A 124 -3.27 13.00 13.92
N ILE A 125 -4.00 12.11 13.24
CA ILE A 125 -5.07 12.53 12.34
C ILE A 125 -6.17 13.19 13.15
N ILE A 126 -6.50 12.59 14.27
CA ILE A 126 -7.52 13.15 15.15
C ILE A 126 -7.11 14.54 15.61
N GLU A 127 -5.91 14.66 16.15
CA GLU A 127 -5.44 15.94 16.68
C GLU A 127 -5.39 17.03 15.60
N ALA A 128 -4.99 16.66 14.39
CA ALA A 128 -4.82 17.63 13.30
C ALA A 128 -6.17 18.09 12.73
N THR A 129 -7.17 17.23 12.82
CA THR A 129 -8.44 17.55 12.23
C THR A 129 -9.49 17.96 13.26
N GLY A 130 -9.34 17.47 14.48
CA GLY A 130 -10.39 17.60 15.51
C GLY A 130 -11.66 16.79 15.24
N ASN A 131 -11.69 15.91 14.24
CA ASN A 131 -12.92 15.18 13.92
C ASN A 131 -12.95 13.81 14.60
N TYR A 132 -14.12 13.21 14.72
CA TYR A 132 -14.26 11.80 15.04
C TYR A 132 -13.45 10.86 14.09
N MET A 133 -13.23 9.63 14.51
CA MET A 133 -12.36 8.69 13.80
C MET A 133 -12.93 7.29 13.97
N ILE A 134 -13.09 6.58 12.84
CA ILE A 134 -13.50 5.18 12.84
C ILE A 134 -12.27 4.44 12.36
N VAL A 135 -11.79 3.52 13.17
CA VAL A 135 -10.66 2.65 12.75
C VAL A 135 -11.16 1.76 11.63
N TYR A 136 -10.45 1.72 10.51
CA TYR A 136 -10.79 0.81 9.38
C TYR A 136 -9.85 -0.40 9.38
N SER A 137 -10.41 -1.54 9.85
CA SER A 137 -9.65 -2.81 9.94
C SER A 137 -10.02 -3.76 8.79
N ILE A 138 -9.03 -4.06 7.94
CA ILE A 138 -9.27 -4.99 6.85
C ILE A 138 -8.03 -5.87 6.73
N PRO A 139 -7.84 -6.85 7.67
CA PRO A 139 -6.60 -7.69 7.79
C PRO A 139 -6.26 -8.44 6.51
N PHE A 140 -7.29 -8.89 5.79
CA PHE A 140 -7.01 -9.73 4.60
C PHE A 140 -6.31 -8.95 3.44
N LEU A 141 -6.46 -7.62 3.45
CA LEU A 141 -5.70 -6.71 2.59
C LEU A 141 -4.42 -6.14 3.23
N THR A 142 -4.51 -5.74 4.51
CA THR A 142 -3.35 -5.04 5.16
C THR A 142 -2.38 -5.99 5.84
N GLY A 143 -2.87 -7.18 6.20
CA GLY A 143 -2.07 -8.09 7.05
C GLY A 143 -1.92 -7.63 8.51
N VAL A 144 -2.64 -6.58 8.90
CA VAL A 144 -2.59 -6.04 10.27
C VAL A 144 -3.70 -6.68 11.12
N ASN A 145 -3.32 -7.27 12.26
CA ASN A 145 -4.30 -7.76 13.23
C ASN A 145 -4.19 -6.99 14.52
N ILE A 146 -5.32 -6.47 14.94
CA ILE A 146 -5.43 -5.70 16.19
C ILE A 146 -6.27 -6.51 17.18
N GLY A 147 -5.71 -6.74 18.37
CA GLY A 147 -6.34 -7.56 19.44
C GLY A 147 -7.27 -6.67 20.26
N VAL A 148 -8.02 -7.28 21.17
CA VAL A 148 -8.94 -6.54 22.06
C VAL A 148 -8.26 -5.47 22.91
N GLU A 149 -7.15 -5.85 23.57
CA GLU A 149 -6.42 -4.90 24.39
C GLU A 149 -5.91 -3.72 23.51
N GLN A 150 -5.41 -4.03 22.30
CA GLN A 150 -4.94 -2.96 21.39
C GLN A 150 -6.09 -2.01 20.95
N PHE A 151 -7.25 -2.57 20.60
CA PHE A 151 -8.43 -1.70 20.40
C PHE A 151 -8.74 -0.77 21.60
N GLY A 152 -8.69 -1.31 22.81
CA GLY A 152 -8.84 -0.50 24.03
C GLY A 152 -7.88 0.71 24.10
N GLU A 153 -6.59 0.49 23.77
CA GLU A 153 -5.63 1.59 23.65
C GLU A 153 -6.05 2.64 22.62
N LEU A 154 -6.48 2.17 21.45
CA LEU A 154 -6.98 3.06 20.45
C LEU A 154 -8.17 3.82 20.96
N TYR A 155 -9.03 3.13 21.72
CA TYR A 155 -10.27 3.76 22.21
C TYR A 155 -10.05 4.75 23.40
N LYS A 156 -8.88 4.74 24.00
CA LYS A 156 -8.53 5.74 25.01
C LYS A 156 -8.64 7.15 24.43
N ASN A 157 -8.56 7.30 23.10
CA ASN A 157 -8.71 8.62 22.47
C ASN A 157 -10.21 8.80 22.33
N PRO A 158 -10.84 9.71 23.12
CA PRO A 158 -12.33 9.72 23.13
C PRO A 158 -12.97 10.14 21.81
N LYS A 159 -12.18 10.55 20.80
CA LYS A 159 -12.77 10.80 19.46
C LYS A 159 -12.84 9.56 18.57
N VAL A 160 -12.33 8.43 19.07
CA VAL A 160 -12.48 7.19 18.29
C VAL A 160 -13.83 6.62 18.64
N LEU A 161 -14.66 6.48 17.62
CA LEU A 161 -16.07 6.04 17.78
C LEU A 161 -16.19 4.52 17.79
N GLY A 162 -15.25 3.84 17.14
CA GLY A 162 -15.34 2.38 16.95
C GLY A 162 -14.59 1.94 15.71
N VAL A 163 -15.09 0.88 15.07
CA VAL A 163 -14.28 0.18 14.06
C VAL A 163 -15.18 -0.28 12.90
N ALA A 164 -14.71 -0.01 11.69
CA ALA A 164 -15.25 -0.60 10.48
C ALA A 164 -14.52 -1.94 10.32
N PHE A 165 -15.26 -3.01 10.57
CA PHE A 165 -14.67 -4.32 10.90
C PHE A 165 -14.82 -5.20 9.65
N THR A 166 -13.88 -5.05 8.69
CA THR A 166 -13.85 -5.87 7.47
C THR A 166 -12.93 -7.06 7.78
N ALA A 167 -13.40 -7.85 8.73
CA ALA A 167 -12.73 -9.03 9.24
C ALA A 167 -13.84 -10.06 9.49
N GLY A 168 -13.42 -11.32 9.60
CA GLY A 168 -14.39 -12.39 9.83
C GLY A 168 -14.28 -13.04 11.19
N ASP A 169 -13.42 -12.51 12.05
CA ASP A 169 -13.20 -13.13 13.38
C ASP A 169 -14.37 -12.73 14.30
N PHE A 170 -15.35 -13.62 14.35
CA PHE A 170 -16.52 -13.35 15.12
C PHE A 170 -16.33 -13.52 16.64
N TYR A 171 -15.20 -14.12 17.04
CA TYR A 171 -14.87 -14.18 18.47
C TYR A 171 -14.37 -12.83 18.90
N LEU A 172 -13.39 -12.28 18.15
CA LEU A 172 -12.94 -10.91 18.34
C LEU A 172 -14.12 -9.94 18.36
N LEU A 173 -14.99 -10.07 17.37
CA LEU A 173 -16.19 -9.20 17.33
C LEU A 173 -16.95 -9.24 18.63
N GLU A 174 -17.30 -10.45 19.09
CA GLU A 174 -18.10 -10.58 20.32
C GLU A 174 -17.33 -9.97 21.50
N ARG A 175 -16.01 -10.22 21.56
CA ARG A 175 -15.19 -9.68 22.66
C ARG A 175 -15.11 -8.13 22.62
N LEU A 176 -15.11 -7.53 21.43
CA LEU A 176 -15.08 -6.05 21.37
C LEU A 176 -16.34 -5.44 21.87
N LYS A 177 -17.48 -6.06 21.51
CA LYS A 177 -18.77 -5.64 22.08
C LYS A 177 -18.83 -5.82 23.60
N LYS A 178 -18.29 -6.92 24.12
CA LYS A 178 -18.28 -7.10 25.58
C LYS A 178 -17.35 -6.08 26.27
N ALA A 179 -16.14 -5.86 25.74
CA ALA A 179 -15.20 -4.98 26.42
C ALA A 179 -15.57 -3.50 26.29
N TYR A 180 -16.08 -3.10 25.12
CA TYR A 180 -16.31 -1.68 24.78
C TYR A 180 -17.74 -1.54 24.29
N PRO A 181 -18.70 -1.72 25.20
CA PRO A 181 -20.10 -1.79 24.82
C PRO A 181 -20.61 -0.51 24.23
N ASN A 182 -20.00 0.64 24.52
CA ASN A 182 -20.46 1.93 23.96
C ASN A 182 -19.82 2.31 22.62
N HIS A 183 -18.84 1.53 22.18
CA HIS A 183 -18.17 1.77 20.90
C HIS A 183 -18.82 1.02 19.79
N LEU A 184 -18.82 1.62 18.60
CA LEU A 184 -19.61 1.07 17.51
C LEU A 184 -18.80 0.09 16.67
N ILE A 185 -19.49 -0.93 16.13
CA ILE A 185 -18.89 -1.77 15.07
C ILE A 185 -19.79 -1.74 13.84
N TRP A 186 -19.19 -1.48 12.68
CA TRP A 186 -19.82 -1.71 11.37
C TRP A 186 -19.20 -2.95 10.74
N ALA A 187 -20.06 -3.91 10.38
CA ALA A 187 -19.62 -5.15 9.72
C ALA A 187 -19.23 -4.83 8.30
N GLY A 188 -18.09 -5.40 7.87
CA GLY A 188 -17.59 -5.10 6.54
C GLY A 188 -17.78 -6.22 5.52
N PHE A 189 -18.09 -7.42 5.96
CA PHE A 189 -18.35 -8.46 4.93
C PHE A 189 -19.83 -8.73 4.72
N ASP A 190 -20.26 -8.32 3.53
CA ASP A 190 -21.69 -8.35 3.13
C ASP A 190 -22.23 -9.78 3.15
N GLU A 191 -21.39 -10.75 2.78
CA GLU A 191 -21.76 -12.18 2.71
C GLU A 191 -21.81 -12.85 4.06
N MET A 192 -21.44 -12.10 5.09
CA MET A 192 -21.56 -12.54 6.47
C MET A 192 -22.35 -11.56 7.34
N MET A 193 -23.27 -10.87 6.69
CA MET A 193 -24.05 -9.85 7.39
C MET A 193 -24.86 -10.47 8.52
N LEU A 194 -25.65 -11.49 8.20
CA LEU A 194 -26.53 -12.10 9.20
C LEU A 194 -25.76 -12.49 10.53
N PRO A 195 -24.66 -13.31 10.43
CA PRO A 195 -24.05 -13.66 11.72
C PRO A 195 -23.41 -12.44 12.42
N ALA A 196 -23.01 -11.40 11.67
CA ALA A 196 -22.37 -10.23 12.32
C ALA A 196 -23.48 -9.49 13.03
N ALA A 197 -24.64 -9.36 12.36
CA ALA A 197 -25.82 -8.73 12.96
C ALA A 197 -26.32 -9.49 14.18
N SER A 198 -26.20 -10.82 14.18
CA SER A 198 -26.67 -11.59 15.33
C SER A 198 -25.83 -11.27 16.60
N LEU A 199 -24.62 -10.78 16.42
CA LEU A 199 -23.79 -10.36 17.58
C LEU A 199 -23.91 -8.85 17.96
N GLY A 200 -24.83 -8.14 17.33
CA GLY A 200 -25.15 -6.76 17.69
C GLY A 200 -24.31 -5.67 17.04
N VAL A 201 -23.74 -5.92 15.87
CA VAL A 201 -23.03 -4.80 15.16
C VAL A 201 -24.04 -3.70 14.95
N ASP A 202 -23.54 -2.47 14.83
CA ASP A 202 -24.40 -1.34 14.86
C ASP A 202 -24.81 -0.93 13.49
N GLY A 203 -24.07 -1.42 12.49
CA GLY A 203 -24.45 -1.20 11.11
C GLY A 203 -23.52 -2.04 10.25
N ALA A 204 -23.47 -1.70 8.98
CA ALA A 204 -22.56 -2.34 8.00
C ALA A 204 -22.13 -1.33 6.92
N ILE A 205 -20.90 -1.54 6.43
CA ILE A 205 -20.36 -0.83 5.31
C ILE A 205 -20.06 -1.87 4.25
N GLY A 206 -20.63 -1.72 3.07
CA GLY A 206 -20.30 -2.72 2.02
C GLY A 206 -20.38 -2.27 0.58
N SER A 207 -19.54 -2.90 -0.26
CA SER A 207 -19.55 -2.62 -1.70
C SER A 207 -20.93 -3.02 -2.32
N THR A 208 -21.53 -4.12 -1.88
CA THR A 208 -22.62 -4.66 -2.71
C THR A 208 -23.94 -3.92 -2.43
N PHE A 209 -23.93 -3.07 -1.42
CA PHE A 209 -25.15 -2.30 -1.05
C PHE A 209 -25.50 -1.23 -2.14
N ASN A 210 -24.51 -0.91 -3.00
CA ASN A 210 -24.66 0.07 -4.06
C ASN A 210 -25.70 -0.52 -4.99
N VAL A 211 -25.79 -1.85 -5.08
CA VAL A 211 -26.89 -2.49 -5.86
C VAL A 211 -27.89 -3.39 -5.11
N ASN A 212 -27.53 -3.91 -3.90
CA ASN A 212 -28.39 -4.87 -3.20
C ASN A 212 -28.82 -4.30 -1.83
N GLY A 213 -28.87 -2.97 -1.75
CA GLY A 213 -29.10 -2.28 -0.46
C GLY A 213 -30.49 -2.54 0.12
N VAL A 214 -31.42 -2.91 -0.75
CA VAL A 214 -32.78 -3.31 -0.29
C VAL A 214 -32.71 -4.65 0.53
N ARG A 215 -32.10 -5.69 -0.04
CA ARG A 215 -31.88 -6.94 0.73
C ARG A 215 -31.01 -6.71 1.93
N ALA A 216 -29.95 -5.94 1.78
CA ALA A 216 -29.01 -5.75 2.91
C ALA A 216 -29.76 -5.23 4.12
N ARG A 217 -30.56 -4.18 3.92
CA ARG A 217 -31.29 -3.62 5.03
C ARG A 217 -32.30 -4.66 5.63
N GLN A 218 -32.95 -5.46 4.78
CA GLN A 218 -33.86 -6.49 5.34
C GLN A 218 -33.09 -7.48 6.21
N ILE A 219 -31.88 -7.90 5.79
CA ILE A 219 -31.18 -8.90 6.55
C ILE A 219 -30.82 -8.28 7.89
N PHE A 220 -30.34 -7.04 7.85
CA PHE A 220 -29.91 -6.34 9.04
C PHE A 220 -31.06 -6.13 10.04
N GLU A 221 -32.17 -5.57 9.55
CA GLU A 221 -33.33 -5.29 10.40
C GLU A 221 -34.02 -6.52 10.90
N LEU A 222 -34.23 -7.48 10.02
CA LEU A 222 -34.85 -8.76 10.39
C LEU A 222 -34.02 -9.51 11.41
N THR A 223 -32.68 -9.48 11.26
CA THR A 223 -31.83 -10.15 12.28
C THR A 223 -32.01 -9.48 13.63
N GLN A 224 -31.94 -8.14 13.66
CA GLN A 224 -32.07 -7.37 14.90
C GLN A 224 -33.40 -7.60 15.58
N ALA A 225 -34.42 -7.89 14.77
CA ALA A 225 -35.78 -8.11 15.29
C ALA A 225 -35.97 -9.58 15.67
N GLY A 226 -34.95 -10.39 15.47
CA GLY A 226 -35.00 -11.83 15.74
C GLY A 226 -35.76 -12.69 14.73
N LYS A 227 -36.07 -12.11 13.57
CA LYS A 227 -36.67 -12.88 12.50
C LYS A 227 -35.55 -13.58 11.69
N LEU A 228 -34.93 -14.54 12.33
CA LEU A 228 -33.78 -15.22 11.74
C LEU A 228 -34.08 -16.05 10.51
N LYS A 229 -35.19 -16.78 10.52
CA LYS A 229 -35.57 -17.66 9.41
C LYS A 229 -35.67 -16.90 8.09
N GLU A 230 -36.38 -15.79 8.13
CA GLU A 230 -36.52 -14.90 7.00
C GLU A 230 -35.21 -14.19 6.61
N ALA A 231 -34.46 -13.72 7.61
CA ALA A 231 -33.17 -13.08 7.32
C ALA A 231 -32.23 -14.07 6.60
N LEU A 232 -32.24 -15.33 7.06
CA LEU A 232 -31.44 -16.38 6.42
C LEU A 232 -31.84 -16.64 4.95
N GLU A 233 -33.15 -16.66 4.64
CA GLU A 233 -33.57 -16.79 3.25
C GLU A 233 -33.00 -15.66 2.42
N ILE A 234 -33.06 -14.45 2.96
CA ILE A 234 -32.63 -13.27 2.23
C ILE A 234 -31.07 -13.24 2.15
N GLN A 235 -30.40 -13.71 3.19
CA GLN A 235 -28.92 -13.90 3.07
C GLN A 235 -28.53 -14.94 2.01
N HIS A 236 -29.30 -16.04 1.92
CA HIS A 236 -29.04 -17.05 0.91
C HIS A 236 -29.10 -16.48 -0.51
N VAL A 237 -30.15 -15.70 -0.81
CA VAL A 237 -30.29 -15.13 -2.15
C VAL A 237 -29.19 -14.09 -2.41
N THR A 238 -28.93 -13.29 -1.37
CA THR A 238 -27.91 -12.28 -1.41
C THR A 238 -26.53 -12.91 -1.73
N ASN A 239 -26.27 -14.08 -1.14
CA ASN A 239 -24.98 -14.72 -1.31
C ASN A 239 -24.86 -15.45 -2.66
N ASP A 240 -26.00 -15.82 -3.25
CA ASP A 240 -25.99 -16.30 -4.65
C ASP A 240 -25.55 -15.16 -5.55
N LEU A 241 -26.11 -13.98 -5.29
CA LEU A 241 -25.74 -12.79 -6.04
C LEU A 241 -24.25 -12.43 -5.81
N ILE A 242 -23.83 -12.43 -4.54
CA ILE A 242 -22.50 -12.04 -4.21
C ILE A 242 -21.46 -13.03 -4.78
N GLU A 243 -21.77 -14.35 -4.69
CA GLU A 243 -20.88 -15.38 -5.26
C GLU A 243 -20.68 -15.10 -6.77
N GLY A 244 -21.79 -14.77 -7.42
CA GLY A 244 -21.75 -14.44 -8.83
C GLY A 244 -20.92 -13.17 -9.10
N ILE A 245 -21.09 -12.15 -8.27
CA ILE A 245 -20.39 -10.88 -8.45
C ILE A 245 -18.90 -11.13 -8.29
N LEU A 246 -18.55 -11.96 -7.31
CA LEU A 246 -17.11 -12.13 -7.02
C LEU A 246 -16.46 -12.93 -8.14
N ALA A 247 -17.21 -13.93 -8.62
CA ALA A 247 -16.74 -14.79 -9.74
C ALA A 247 -16.51 -13.96 -11.00
N ASN A 248 -17.30 -12.93 -11.19
CA ASN A 248 -17.27 -12.17 -12.44
C ASN A 248 -16.28 -10.99 -12.42
N GLY A 249 -15.86 -10.57 -11.22
CA GLY A 249 -15.00 -9.39 -11.04
C GLY A 249 -15.87 -8.43 -10.20
N LEU A 250 -15.55 -8.31 -8.90
CA LEU A 250 -16.41 -7.56 -7.96
C LEU A 250 -16.71 -6.11 -8.34
N TYR A 251 -15.68 -5.26 -8.51
CA TYR A 251 -16.01 -3.82 -8.73
C TYR A 251 -16.64 -3.61 -10.12
N LEU A 252 -16.05 -4.20 -11.17
CA LEU A 252 -16.69 -4.11 -12.52
C LEU A 252 -18.14 -4.63 -12.60
N THR A 253 -18.41 -5.72 -11.90
CA THR A 253 -19.79 -6.27 -11.91
C THR A 253 -20.77 -5.43 -11.12
N ILE A 254 -20.39 -4.90 -9.97
CA ILE A 254 -21.34 -3.95 -9.32
C ILE A 254 -21.60 -2.76 -10.22
N LYS A 255 -20.54 -2.22 -10.82
CA LYS A 255 -20.73 -1.14 -11.76
C LYS A 255 -21.67 -1.55 -12.96
N GLU A 256 -21.54 -2.77 -13.47
CA GLU A 256 -22.36 -3.22 -14.58
C GLU A 256 -23.81 -3.28 -14.12
N LEU A 257 -23.99 -3.70 -12.86
CA LEU A 257 -25.35 -3.86 -12.36
C LEU A 257 -25.98 -2.47 -12.14
N LEU A 258 -25.15 -1.48 -11.77
CA LEU A 258 -25.56 -0.06 -11.75
C LEU A 258 -25.92 0.45 -13.13
N LYS A 259 -25.05 0.20 -14.10
CA LYS A 259 -25.34 0.58 -15.51
C LYS A 259 -26.66 0.01 -16.02
N LEU A 260 -26.98 -1.24 -15.68
CA LEU A 260 -28.21 -1.83 -16.13
C LEU A 260 -29.44 -1.09 -15.53
N ASP A 261 -29.25 -0.26 -14.50
CA ASP A 261 -30.36 0.60 -13.99
C ASP A 261 -30.17 2.06 -14.42
N GLY A 262 -29.27 2.32 -15.34
CA GLY A 262 -29.14 3.64 -15.96
C GLY A 262 -28.13 4.55 -15.25
N VAL A 263 -27.27 3.98 -14.39
CA VAL A 263 -26.26 4.74 -13.68
C VAL A 263 -24.99 4.66 -14.53
N GLU A 264 -24.41 5.79 -14.84
CA GLU A 264 -23.23 5.86 -15.68
C GLU A 264 -22.01 5.54 -14.79
N ALA A 265 -21.90 4.29 -14.36
CA ALA A 265 -21.00 3.93 -13.28
C ALA A 265 -19.59 3.85 -13.79
N GLY A 266 -19.42 3.89 -15.10
CA GLY A 266 -18.06 4.06 -15.69
C GLY A 266 -17.13 2.86 -15.69
N TYR A 267 -15.87 3.14 -16.01
CA TYR A 267 -14.82 2.14 -15.99
C TYR A 267 -14.26 1.95 -14.59
N CYS A 268 -13.43 0.90 -14.41
CA CYS A 268 -12.56 0.84 -13.24
C CYS A 268 -11.25 1.49 -13.62
N ARG A 269 -10.46 1.82 -12.58
CA ARG A 269 -9.20 2.53 -12.74
C ARG A 269 -8.02 1.53 -12.75
N GLU A 270 -7.14 1.71 -13.72
CA GLU A 270 -5.93 0.90 -13.83
C GLU A 270 -5.06 1.22 -12.64
N PRO A 271 -4.33 0.22 -12.14
CA PRO A 271 -4.13 -1.14 -12.70
C PRO A 271 -5.22 -2.23 -12.49
N MET A 272 -6.38 -1.92 -11.94
CA MET A 272 -7.52 -2.87 -12.05
C MET A 272 -7.91 -3.01 -13.49
N THR A 273 -8.45 -4.17 -13.86
CA THR A 273 -9.05 -4.30 -15.19
C THR A 273 -10.12 -3.22 -15.42
N LYS A 274 -10.00 -2.49 -16.52
CA LYS A 274 -10.76 -1.29 -16.71
C LYS A 274 -12.16 -1.54 -17.20
N GLU A 275 -12.38 -2.60 -18.00
CA GLU A 275 -13.72 -2.90 -18.54
CA GLU A 275 -13.71 -2.89 -18.55
C GLU A 275 -14.01 -4.39 -18.54
N LEU A 276 -15.28 -4.73 -18.43
CA LEU A 276 -15.72 -6.12 -18.50
C LEU A 276 -15.72 -6.57 -19.94
N SER A 277 -15.15 -7.74 -20.23
CA SER A 277 -15.27 -8.40 -21.52
C SER A 277 -16.76 -8.66 -21.85
N SER A 278 -17.04 -8.96 -23.10
CA SER A 278 -18.40 -9.09 -23.52
C SER A 278 -19.05 -10.33 -22.84
N GLU A 279 -18.27 -11.42 -22.64
CA GLU A 279 -18.81 -12.58 -21.89
C GLU A 279 -19.19 -12.22 -20.42
N LYS A 280 -18.43 -11.32 -19.81
CA LYS A 280 -18.73 -11.02 -18.42
C LYS A 280 -19.88 -10.03 -18.32
N VAL A 281 -20.05 -9.24 -19.38
CA VAL A 281 -21.22 -8.37 -19.51
C VAL A 281 -22.48 -9.27 -19.52
N ALA A 282 -22.46 -10.29 -20.37
CA ALA A 282 -23.55 -11.23 -20.49
C ALA A 282 -23.80 -11.91 -19.16
N PHE A 283 -22.74 -12.30 -18.49
CA PHE A 283 -22.91 -12.87 -17.15
C PHE A 283 -23.58 -11.89 -16.16
N ALA A 284 -23.06 -10.64 -16.08
CA ALA A 284 -23.70 -9.65 -15.25
C ALA A 284 -25.18 -9.52 -15.56
N LYS A 285 -25.57 -9.56 -16.85
CA LYS A 285 -26.97 -9.43 -17.20
C LYS A 285 -27.79 -10.55 -16.63
N GLU A 286 -27.26 -11.78 -16.65
CA GLU A 286 -27.92 -12.92 -16.02
CA GLU A 286 -27.94 -12.90 -16.03
C GLU A 286 -28.11 -12.71 -14.51
N LEU A 287 -27.08 -12.18 -13.85
CA LEU A 287 -27.19 -11.84 -12.43
C LEU A 287 -28.33 -10.84 -12.18
N LYS A 288 -28.39 -9.80 -13.02
CA LYS A 288 -29.46 -8.79 -12.98
C LYS A 288 -30.84 -9.46 -13.11
N ALA A 289 -30.99 -10.35 -14.12
CA ALA A 289 -32.29 -11.01 -14.35
C ALA A 289 -32.64 -11.89 -13.18
N LYS A 290 -31.65 -12.61 -12.65
CA LYS A 290 -31.96 -13.54 -11.57
C LYS A 290 -32.21 -12.85 -10.22
N TYR A 291 -31.51 -11.74 -9.91
CA TYR A 291 -31.48 -11.28 -8.50
C TYR A 291 -31.93 -9.83 -8.28
N LEU A 292 -31.99 -9.05 -9.34
CA LEU A 292 -32.16 -7.62 -9.21
C LEU A 292 -33.13 -7.07 -10.27
N SER A 293 -34.14 -7.87 -10.58
CA SER A 293 -35.15 -7.51 -11.53
C SER A 293 -36.51 -7.33 -10.85
N MET B 1 24.30 1.28 -22.62
CA MET B 1 23.72 1.58 -21.25
C MET B 1 24.73 1.26 -20.14
N LYS B 2 24.65 1.97 -19.00
CA LYS B 2 25.61 1.74 -17.90
C LYS B 2 25.53 0.28 -17.44
N ASN B 3 26.66 -0.24 -16.97
CA ASN B 3 26.71 -1.55 -16.34
C ASN B 3 25.90 -1.50 -15.04
N LEU B 4 24.85 -2.33 -14.92
CA LEU B 4 24.05 -2.29 -13.66
C LEU B 4 24.33 -3.44 -12.67
N LYS B 5 25.42 -4.19 -12.88
CA LYS B 5 25.84 -5.22 -11.97
C LYS B 5 26.49 -4.59 -10.73
N GLY B 6 26.60 -5.40 -9.66
CA GLY B 6 27.37 -5.06 -8.46
C GLY B 6 26.54 -4.54 -7.30
N ILE B 7 27.13 -3.61 -6.53
CA ILE B 7 26.63 -3.23 -5.20
C ILE B 7 25.82 -1.93 -5.28
N PHE B 8 24.51 -2.03 -5.00
CA PHE B 8 23.62 -0.87 -5.04
C PHE B 8 23.10 -0.59 -3.64
N SER B 9 23.43 0.57 -3.07
CA SER B 9 22.75 0.90 -1.82
C SER B 9 21.32 1.29 -2.15
N ALA B 10 20.35 0.81 -1.34
CA ALA B 10 19.02 1.33 -1.42
C ALA B 10 19.04 2.64 -0.63
N LEU B 11 18.94 3.77 -1.33
CA LEU B 11 19.17 5.08 -0.74
C LEU B 11 18.19 5.46 0.37
N LEU B 12 18.75 5.77 1.54
CA LEU B 12 18.00 6.34 2.62
C LEU B 12 17.84 7.84 2.40
N VAL B 13 16.77 8.38 2.97
CA VAL B 13 16.49 9.80 2.80
C VAL B 13 16.53 10.55 4.13
N SER B 14 17.19 11.71 4.09
CA SER B 14 17.26 12.58 5.25
C SER B 14 15.96 13.41 5.40
N PHE B 15 15.23 13.20 6.49
CA PHE B 15 14.03 14.03 6.81
C PHE B 15 14.28 14.97 7.99
N ASN B 16 13.59 16.13 7.95
CA ASN B 16 13.49 17.09 9.05
C ASN B 16 12.46 16.59 10.05
N ALA B 17 12.45 17.18 11.25
CA ALA B 17 11.48 16.76 12.27
C ALA B 17 10.04 16.86 11.77
N ASP B 18 9.76 17.77 10.86
CA ASP B 18 8.36 17.91 10.38
C ASP B 18 8.04 16.98 9.20
N GLY B 19 8.95 16.06 8.90
CA GLY B 19 8.81 15.12 7.76
C GLY B 19 9.22 15.65 6.38
N SER B 20 9.55 16.95 6.23
CA SER B 20 10.11 17.47 4.97
C SER B 20 11.48 16.91 4.69
N ILE B 21 11.86 16.92 3.42
CA ILE B 21 13.14 16.36 2.97
C ILE B 21 14.26 17.33 3.32
N ASN B 22 15.33 16.84 3.92
CA ASN B 22 16.50 17.70 4.14
C ASN B 22 17.44 17.49 2.93
N GLU B 23 17.42 18.40 1.97
CA GLU B 23 18.35 18.26 0.81
C GLU B 23 19.84 18.14 1.16
N LYS B 24 20.32 19.01 2.03
CA LYS B 24 21.74 18.96 2.41
C LYS B 24 22.10 17.57 2.93
N GLY B 25 21.25 17.04 3.84
CA GLY B 25 21.50 15.71 4.40
C GLY B 25 21.38 14.62 3.33
N LEU B 26 20.41 14.76 2.45
CA LEU B 26 20.20 13.74 1.44
C LEU B 26 21.43 13.73 0.53
N ARG B 27 21.97 14.91 0.19
CA ARG B 27 23.19 14.92 -0.66
C ARG B 27 24.39 14.29 0.07
N GLN B 28 24.52 14.56 1.38
CA GLN B 28 25.58 13.95 2.19
C GLN B 28 25.44 12.42 2.18
N ILE B 29 24.19 11.91 2.24
CA ILE B 29 24.00 10.43 2.14
C ILE B 29 24.47 9.88 0.79
N VAL B 30 24.08 10.54 -0.31
CA VAL B 30 24.50 10.14 -1.68
C VAL B 30 26.03 10.19 -1.74
N ARG B 31 26.64 11.25 -1.22
CA ARG B 31 28.11 11.38 -1.35
C ARG B 31 28.85 10.31 -0.59
N TYR B 32 28.32 9.99 0.59
CA TYR B 32 28.94 9.02 1.47
C TYR B 32 28.90 7.64 0.82
N ASN B 33 27.78 7.32 0.17
CA ASN B 33 27.64 6.04 -0.54
C ASN B 33 28.63 5.95 -1.73
N ILE B 34 28.77 7.05 -2.46
CA ILE B 34 29.70 7.02 -3.60
C ILE B 34 31.17 6.99 -3.14
N ASP B 35 31.53 7.94 -2.27
CA ASP B 35 32.92 8.17 -1.85
C ASP B 35 33.43 7.20 -0.80
N LYS B 36 32.59 6.79 0.15
CA LYS B 36 33.07 5.98 1.33
C LYS B 36 32.67 4.49 1.27
N MET B 37 31.41 4.27 0.94
CA MET B 37 30.87 2.94 0.67
C MET B 37 31.27 2.36 -0.71
N LYS B 38 31.73 3.21 -1.64
CA LYS B 38 32.13 2.79 -3.01
C LYS B 38 31.13 1.90 -3.73
N VAL B 39 29.87 2.32 -3.71
CA VAL B 39 28.84 1.54 -4.36
C VAL B 39 29.03 1.67 -5.89
N ASP B 40 28.55 0.64 -6.60
CA ASP B 40 28.34 0.74 -8.03
C ASP B 40 27.13 1.64 -8.41
N GLY B 41 26.12 1.71 -7.55
CA GLY B 41 24.96 2.49 -7.91
C GLY B 41 24.06 2.70 -6.73
N LEU B 42 22.97 3.43 -6.96
CA LEU B 42 21.96 3.66 -5.93
C LEU B 42 20.65 3.25 -6.49
N TYR B 43 19.89 2.65 -5.61
CA TYR B 43 18.49 2.28 -5.90
C TYR B 43 17.67 3.29 -5.16
N VAL B 44 16.99 4.16 -5.91
CA VAL B 44 16.44 5.35 -5.31
C VAL B 44 14.93 5.18 -5.30
N GLY B 45 14.30 5.58 -4.21
CA GLY B 45 12.84 5.50 -4.12
C GLY B 45 12.26 4.14 -3.75
N GLY B 46 13.06 3.25 -3.18
CA GLY B 46 12.49 1.95 -2.81
C GLY B 46 12.08 1.97 -1.35
N SER B 47 11.88 0.79 -0.78
CA SER B 47 11.22 0.67 0.55
C SER B 47 12.13 1.39 1.58
N THR B 48 13.46 1.25 1.39
CA THR B 48 14.47 1.87 2.30
C THR B 48 14.43 3.42 2.30
N GLY B 49 14.11 3.98 1.13
CA GLY B 49 13.90 5.42 0.96
C GLY B 49 12.65 5.94 1.66
N GLU B 50 11.94 5.09 2.42
CA GLU B 50 10.63 5.47 3.02
C GLU B 50 9.65 6.04 1.98
N ASN B 51 9.81 5.59 0.74
CA ASN B 51 9.12 6.10 -0.46
C ASN B 51 7.62 6.04 -0.34
N PHE B 52 7.10 4.93 0.21
CA PHE B 52 5.66 4.76 0.22
C PHE B 52 4.90 5.61 1.21
N MET B 53 5.62 6.36 2.05
CA MET B 53 4.97 7.28 2.97
C MET B 53 4.97 8.69 2.41
N LEU B 54 5.40 8.88 1.16
CA LEU B 54 5.68 10.27 0.63
C LEU B 54 4.70 10.68 -0.47
N SER B 55 4.62 11.99 -0.70
CA SER B 55 3.75 12.52 -1.77
C SER B 55 4.46 12.40 -3.13
N THR B 56 3.71 12.60 -4.20
CA THR B 56 4.37 12.60 -5.53
C THR B 56 5.48 13.66 -5.65
N GLU B 57 5.19 14.87 -5.19
CA GLU B 57 6.20 15.96 -5.25
C GLU B 57 7.50 15.59 -4.51
N GLU B 58 7.34 14.94 -3.35
CA GLU B 58 8.46 14.53 -2.53
C GLU B 58 9.26 13.48 -3.22
N LYS B 59 8.58 12.50 -3.83
CA LYS B 59 9.34 11.45 -4.56
C LYS B 59 10.11 12.11 -5.73
N LYS B 60 9.50 13.09 -6.40
CA LYS B 60 10.29 13.80 -7.47
C LYS B 60 11.50 14.54 -6.96
N GLU B 61 11.31 15.23 -5.84
CA GLU B 61 12.40 16.00 -5.30
CA GLU B 61 12.36 15.99 -5.18
C GLU B 61 13.56 15.06 -4.93
N ILE B 62 13.26 13.87 -4.41
CA ILE B 62 14.30 12.91 -4.06
C ILE B 62 15.06 12.44 -5.28
N PHE B 63 14.31 12.09 -6.33
CA PHE B 63 14.97 11.68 -7.57
C PHE B 63 15.85 12.80 -8.09
N ARG B 64 15.36 14.05 -7.96
CA ARG B 64 16.09 15.19 -8.52
C ARG B 64 17.39 15.40 -7.75
N ILE B 65 17.30 15.39 -6.44
CA ILE B 65 18.47 15.61 -5.60
C ILE B 65 19.52 14.48 -5.80
N ALA B 66 19.04 13.23 -5.81
CA ALA B 66 19.97 12.11 -5.92
C ALA B 66 20.71 12.19 -7.26
N LYS B 67 19.99 12.55 -8.32
CA LYS B 67 20.62 12.64 -9.64
C LYS B 67 21.54 13.88 -9.73
N ASP B 68 21.09 15.02 -9.18
CA ASP B 68 21.90 16.25 -9.04
CA ASP B 68 21.98 16.17 -9.19
C ASP B 68 23.28 15.91 -8.46
N GLU B 69 23.21 15.21 -7.30
CA GLU B 69 24.42 14.89 -6.53
C GLU B 69 25.35 13.86 -7.18
N ALA B 70 24.77 12.75 -7.62
CA ALA B 70 25.56 11.64 -8.18
C ALA B 70 26.01 11.88 -9.61
N LYS B 71 25.26 12.72 -10.33
CA LYS B 71 25.46 12.97 -11.74
C LYS B 71 25.73 11.65 -12.49
N ASP B 72 26.91 11.53 -13.11
CA ASP B 72 27.27 10.32 -13.86
C ASP B 72 28.31 9.41 -13.23
N GLU B 73 28.64 9.66 -11.96
CA GLU B 73 29.68 8.86 -11.31
C GLU B 73 29.31 7.40 -11.06
N ILE B 74 28.02 7.12 -10.83
CA ILE B 74 27.56 5.77 -10.53
C ILE B 74 26.30 5.48 -11.30
N ALA B 75 25.84 4.24 -11.27
CA ALA B 75 24.59 3.83 -11.91
C ALA B 75 23.43 4.28 -11.02
N LEU B 76 22.26 4.54 -11.60
CA LEU B 76 21.14 5.03 -10.80
C LEU B 76 19.87 4.38 -11.28
N ILE B 77 19.13 3.74 -10.36
CA ILE B 77 17.87 3.05 -10.73
C ILE B 77 16.74 3.75 -9.99
N ALA B 78 15.66 4.05 -10.69
CA ALA B 78 14.58 4.77 -10.00
C ALA B 78 13.42 3.85 -9.73
N GLN B 79 13.10 3.59 -8.46
CA GLN B 79 11.85 2.81 -8.14
C GLN B 79 10.68 3.72 -8.21
N VAL B 80 9.78 3.50 -9.17
CA VAL B 80 8.65 4.41 -9.37
C VAL B 80 7.31 3.76 -9.10
N GLY B 81 7.31 2.46 -8.78
CA GLY B 81 6.02 1.76 -8.60
C GLY B 81 5.18 2.14 -7.43
N SER B 82 3.91 1.72 -7.48
CA SER B 82 2.98 1.98 -6.34
C SER B 82 1.63 1.39 -6.70
N VAL B 83 0.63 1.65 -5.86
CA VAL B 83 -0.74 1.14 -6.16
C VAL B 83 -1.29 1.99 -7.26
N ASN B 84 -0.69 3.17 -7.46
CA ASN B 84 -1.23 4.18 -8.37
C ASN B 84 -0.47 4.14 -9.68
N LEU B 85 -1.07 3.54 -10.72
CA LEU B 85 -0.33 3.42 -12.01
C LEU B 85 -0.06 4.77 -12.67
N GLN B 86 -1.01 5.71 -12.55
CA GLN B 86 -0.81 7.01 -13.16
C GLN B 86 0.33 7.77 -12.49
N GLU B 87 0.46 7.61 -11.17
CA GLU B 87 1.65 8.14 -10.47
C GLU B 87 2.90 7.45 -10.90
N ALA B 88 2.86 6.14 -11.09
CA ALA B 88 4.08 5.41 -11.51
C ALA B 88 4.54 5.90 -12.88
N ILE B 89 3.57 6.13 -13.75
CA ILE B 89 3.88 6.66 -15.08
C ILE B 89 4.52 8.07 -15.01
N GLU B 90 3.95 8.91 -14.19
CA GLU B 90 4.42 10.29 -14.03
C GLU B 90 5.86 10.29 -13.49
N LEU B 91 6.08 9.47 -12.49
CA LEU B 91 7.40 9.35 -11.85
C LEU B 91 8.44 8.71 -12.78
N GLY B 92 8.02 7.70 -13.55
CA GLY B 92 8.88 7.06 -14.55
C GLY B 92 9.27 8.05 -15.61
N LYS B 93 8.31 8.83 -16.12
CA LYS B 93 8.65 9.91 -17.07
C LYS B 93 9.67 10.89 -16.46
N TYR B 94 9.37 11.39 -15.27
CA TYR B 94 10.25 12.33 -14.62
C TYR B 94 11.69 11.73 -14.46
N ALA B 95 11.78 10.51 -13.93
CA ALA B 95 13.09 9.89 -13.65
C ALA B 95 13.83 9.61 -14.95
N THR B 96 13.06 9.28 -15.97
CA THR B 96 13.63 9.00 -17.30
C THR B 96 14.19 10.28 -17.90
N GLU B 97 13.42 11.35 -17.79
CA GLU B 97 13.96 12.66 -18.21
C GLU B 97 15.21 13.11 -17.47
N LEU B 98 15.32 12.77 -16.17
CA LEU B 98 16.49 13.10 -15.38
C LEU B 98 17.71 12.27 -15.79
N GLY B 99 17.51 11.21 -16.58
CA GLY B 99 18.61 10.35 -17.00
C GLY B 99 18.90 9.13 -16.13
N TYR B 100 17.94 8.71 -15.32
CA TYR B 100 18.10 7.43 -14.56
C TYR B 100 18.29 6.22 -15.49
N ASP B 101 19.23 5.32 -15.13
CA ASP B 101 19.66 4.30 -16.08
C ASP B 101 18.64 3.23 -16.32
N SER B 102 17.82 2.94 -15.30
CA SER B 102 16.66 2.08 -15.50
C SER B 102 15.56 2.54 -14.52
N LEU B 103 14.31 2.17 -14.81
CA LEU B 103 13.27 2.27 -13.80
C LEU B 103 13.21 0.90 -13.10
N SER B 104 12.55 0.91 -11.93
CA SER B 104 12.16 -0.30 -11.26
C SER B 104 10.72 -0.06 -10.77
N ALA B 105 9.95 -1.12 -10.60
CA ALA B 105 8.61 -0.91 -10.00
C ALA B 105 8.20 -2.08 -9.13
N VAL B 106 7.70 -1.73 -7.94
CA VAL B 106 7.17 -2.73 -7.00
C VAL B 106 5.94 -3.35 -7.67
N THR B 107 5.74 -4.67 -7.49
CA THR B 107 4.45 -5.23 -7.90
C THR B 107 3.31 -4.40 -7.23
N PRO B 108 2.24 -4.06 -7.99
CA PRO B 108 1.19 -3.27 -7.31
C PRO B 108 0.58 -4.10 -6.14
N PHE B 109 0.31 -3.43 -5.03
CA PHE B 109 -0.06 -4.09 -3.76
C PHE B 109 -1.38 -3.57 -3.22
N TYR B 110 -1.70 -3.96 -1.98
CA TYR B 110 -2.97 -3.65 -1.33
C TYR B 110 -4.13 -4.43 -1.94
N TYR B 111 -4.65 -3.98 -3.07
CA TYR B 111 -5.62 -4.83 -3.77
C TYR B 111 -4.93 -6.13 -4.21
N LYS B 112 -5.71 -7.18 -4.37
CA LYS B 112 -5.22 -8.45 -4.87
C LYS B 112 -5.22 -8.50 -6.41
N PHE B 113 -4.31 -7.77 -7.03
CA PHE B 113 -4.26 -7.73 -8.52
C PHE B 113 -3.97 -9.10 -9.14
N SER B 114 -4.58 -9.40 -10.30
CA SER B 114 -4.35 -10.67 -11.00
C SER B 114 -3.03 -10.54 -11.73
N PHE B 115 -2.48 -11.68 -12.16
CA PHE B 115 -1.23 -11.57 -12.87
C PHE B 115 -1.33 -10.81 -14.17
N PRO B 116 -2.39 -11.00 -14.96
CA PRO B 116 -2.48 -10.14 -16.15
C PRO B 116 -2.56 -8.60 -15.81
N GLU B 117 -3.23 -8.23 -14.74
CA GLU B 117 -3.22 -6.81 -14.29
C GLU B 117 -1.78 -6.34 -13.94
N ILE B 118 -1.06 -7.20 -13.25
CA ILE B 118 0.34 -6.93 -12.84
C ILE B 118 1.24 -6.76 -14.10
N LYS B 119 1.10 -7.66 -15.05
CA LYS B 119 1.83 -7.52 -16.32
C LYS B 119 1.47 -6.24 -17.09
N HIS B 120 0.17 -5.93 -17.18
CA HIS B 120 -0.21 -4.72 -17.87
C HIS B 120 0.40 -3.46 -17.22
N TYR B 121 0.52 -3.45 -15.89
CA TYR B 121 1.09 -2.40 -15.12
C TYR B 121 2.53 -2.21 -15.55
N TYR B 122 3.29 -3.30 -15.61
CA TYR B 122 4.72 -3.17 -16.07
C TYR B 122 4.83 -2.70 -17.53
N ASP B 123 4.09 -3.34 -18.41
CA ASP B 123 4.08 -2.97 -19.82
C ASP B 123 3.62 -1.51 -20.04
N SER B 124 2.62 -1.03 -19.31
CA SER B 124 2.20 0.38 -19.36
C SER B 124 3.29 1.39 -18.99
N ILE B 125 3.99 1.15 -17.87
CA ILE B 125 5.10 2.02 -17.45
C ILE B 125 6.16 2.06 -18.53
N ILE B 126 6.55 0.89 -19.01
CA ILE B 126 7.56 0.76 -20.04
C ILE B 126 7.16 1.54 -21.29
N GLU B 127 5.94 1.34 -21.76
CA GLU B 127 5.49 1.97 -22.99
C GLU B 127 5.45 3.48 -22.86
N ALA B 128 4.96 3.95 -21.70
CA ALA B 128 4.84 5.39 -21.50
C ALA B 128 6.20 6.12 -21.37
N THR B 129 7.21 5.43 -20.86
CA THR B 129 8.51 6.07 -20.51
C THR B 129 9.56 5.76 -21.52
N GLY B 130 9.45 4.58 -22.15
CA GLY B 130 10.46 4.12 -23.09
C GLY B 130 11.69 3.59 -22.42
N ASN B 131 11.71 3.57 -21.09
CA ASN B 131 12.94 3.21 -20.34
C ASN B 131 12.97 1.71 -20.02
N TYR B 132 14.15 1.20 -19.63
CA TYR B 132 14.32 -0.15 -19.07
C TYR B 132 13.55 -0.30 -17.76
N MET B 133 13.23 -1.57 -17.46
CA MET B 133 12.49 -1.84 -16.25
C MET B 133 13.08 -3.00 -15.46
N ILE B 134 13.19 -2.80 -14.15
CA ILE B 134 13.55 -3.91 -13.25
C ILE B 134 12.33 -4.22 -12.44
N VAL B 135 11.88 -5.48 -12.51
CA VAL B 135 10.75 -5.91 -11.65
C VAL B 135 11.18 -5.88 -10.17
N TYR B 136 10.39 -5.22 -9.30
CA TYR B 136 10.80 -5.18 -7.86
C TYR B 136 9.95 -6.15 -7.02
N SER B 137 10.55 -7.27 -6.58
CA SER B 137 9.80 -8.36 -5.95
C SER B 137 10.10 -8.35 -4.46
N ILE B 138 9.11 -8.03 -3.63
CA ILE B 138 9.31 -8.06 -2.16
C ILE B 138 8.03 -8.70 -1.52
N PRO B 139 7.90 -10.04 -1.65
CA PRO B 139 6.71 -10.82 -1.20
C PRO B 139 6.40 -10.65 0.26
N PHE B 140 7.45 -10.50 1.08
CA PHE B 140 7.22 -10.34 2.53
C PHE B 140 6.40 -9.07 2.89
N LEU B 141 6.48 -8.01 2.06
CA LEU B 141 5.66 -6.80 2.22
C LEU B 141 4.38 -6.76 1.35
N THR B 142 4.47 -7.26 0.10
CA THR B 142 3.34 -7.11 -0.84
C THR B 142 2.39 -8.28 -0.77
N GLY B 143 2.89 -9.47 -0.36
CA GLY B 143 2.10 -10.75 -0.42
C GLY B 143 1.97 -11.26 -1.87
N VAL B 144 2.66 -10.63 -2.82
CA VAL B 144 2.61 -11.09 -4.22
C VAL B 144 3.78 -12.08 -4.47
N ASN B 145 3.41 -13.30 -4.90
CA ASN B 145 4.35 -14.32 -5.36
C ASN B 145 4.21 -14.58 -6.85
N ILE B 146 5.32 -14.39 -7.55
CA ILE B 146 5.43 -14.52 -9.01
C ILE B 146 6.24 -15.79 -9.21
N GLY B 147 5.73 -16.70 -10.05
CA GLY B 147 6.40 -17.97 -10.35
C GLY B 147 7.33 -17.80 -11.55
N VAL B 148 8.13 -18.82 -11.85
CA VAL B 148 9.08 -18.79 -12.97
C VAL B 148 8.37 -18.50 -14.29
N GLU B 149 7.22 -19.16 -14.49
CA GLU B 149 6.44 -18.97 -15.71
C GLU B 149 5.95 -17.53 -15.80
N GLN B 150 5.51 -16.97 -14.68
CA GLN B 150 5.07 -15.57 -14.66
C GLN B 150 6.20 -14.59 -14.91
N PHE B 151 7.38 -14.91 -14.44
CA PHE B 151 8.50 -14.04 -14.75
C PHE B 151 8.80 -14.08 -16.26
N GLY B 152 8.64 -15.26 -16.85
CA GLY B 152 8.79 -15.41 -18.31
C GLY B 152 7.85 -14.51 -19.10
N GLU B 153 6.60 -14.42 -18.66
CA GLU B 153 5.65 -13.52 -19.28
C GLU B 153 6.10 -12.05 -19.16
N LEU B 154 6.59 -11.67 -17.98
CA LEU B 154 7.09 -10.32 -17.78
C LEU B 154 8.24 -10.06 -18.70
N TYR B 155 9.08 -11.09 -18.83
CA TYR B 155 10.35 -10.96 -19.57
C TYR B 155 10.13 -11.00 -21.06
N LYS B 156 8.92 -11.32 -21.50
CA LYS B 156 8.61 -11.18 -22.93
C LYS B 156 8.69 -9.70 -23.38
N ASN B 157 8.56 -8.74 -22.45
CA ASN B 157 8.79 -7.34 -22.80
C ASN B 157 10.33 -7.14 -22.85
N PRO B 158 10.87 -6.81 -24.05
CA PRO B 158 12.33 -6.81 -24.05
C PRO B 158 12.97 -5.67 -23.26
N LYS B 159 12.21 -4.70 -22.77
CA LYS B 159 12.83 -3.69 -21.91
C LYS B 159 12.88 -4.09 -20.42
N VAL B 160 12.39 -5.30 -20.10
CA VAL B 160 12.54 -5.78 -18.72
C VAL B 160 13.90 -6.46 -18.59
N LEU B 161 14.72 -5.96 -17.66
CA LEU B 161 16.13 -6.40 -17.51
C LEU B 161 16.29 -7.58 -16.52
N GLY B 162 15.33 -7.72 -15.60
CA GLY B 162 15.42 -8.76 -14.60
C GLY B 162 14.71 -8.32 -13.36
N VAL B 163 15.21 -8.76 -12.18
CA VAL B 163 14.42 -8.62 -10.96
C VAL B 163 15.25 -8.18 -9.77
N ALA B 164 14.72 -7.23 -9.00
CA ALA B 164 15.25 -6.88 -7.68
C ALA B 164 14.54 -7.82 -6.74
N PHE B 165 15.28 -8.82 -6.27
CA PHE B 165 14.70 -10.05 -5.69
C PHE B 165 14.86 -9.89 -4.20
N THR B 166 13.91 -9.18 -3.53
CA THR B 166 13.97 -9.09 -2.08
C THR B 166 13.16 -10.21 -1.52
N ALA B 167 13.75 -11.39 -1.57
CA ALA B 167 13.02 -12.63 -1.38
C ALA B 167 14.06 -13.64 -0.99
N GLY B 168 13.65 -14.65 -0.24
CA GLY B 168 14.58 -15.67 0.28
C GLY B 168 14.42 -17.04 -0.37
N ASP B 169 13.61 -17.14 -1.44
CA ASP B 169 13.38 -18.43 -2.08
C ASP B 169 14.52 -18.73 -3.03
N PHE B 170 15.52 -19.39 -2.50
CA PHE B 170 16.68 -19.70 -3.32
C PHE B 170 16.49 -20.82 -4.36
N TYR B 171 15.40 -21.59 -4.23
CA TYR B 171 15.00 -22.51 -5.30
C TYR B 171 14.51 -21.67 -6.50
N LEU B 172 13.55 -20.77 -6.24
CA LEU B 172 13.10 -19.82 -7.23
C LEU B 172 14.27 -19.09 -7.88
N LEU B 173 15.19 -18.57 -7.07
CA LEU B 173 16.31 -17.81 -7.61
C LEU B 173 17.14 -18.67 -8.61
N GLU B 174 17.46 -19.90 -8.21
CA GLU B 174 18.28 -20.78 -9.11
C GLU B 174 17.48 -21.07 -10.40
N ARG B 175 16.16 -21.29 -10.24
CA ARG B 175 15.29 -21.56 -11.40
C ARG B 175 15.19 -20.39 -12.39
N LEU B 176 15.25 -19.16 -11.89
CA LEU B 176 15.19 -17.97 -12.72
C LEU B 176 16.48 -17.80 -13.48
N LYS B 177 17.60 -18.10 -12.84
CA LYS B 177 18.89 -18.11 -13.54
C LYS B 177 18.98 -19.21 -14.60
N LYS B 178 18.39 -20.36 -14.31
CA LYS B 178 18.35 -21.45 -15.28
C LYS B 178 17.50 -21.09 -16.49
N ALA B 179 16.27 -20.64 -16.23
CA ALA B 179 15.34 -20.39 -17.30
C ALA B 179 15.67 -19.12 -18.09
N TYR B 180 16.15 -18.08 -17.41
CA TYR B 180 16.40 -16.79 -18.06
C TYR B 180 17.85 -16.34 -17.82
N PRO B 181 18.80 -17.06 -18.44
CA PRO B 181 20.23 -16.86 -18.16
C PRO B 181 20.72 -15.45 -18.47
N ASN B 182 20.10 -14.77 -19.42
CA ASN B 182 20.51 -13.40 -19.76
C ASN B 182 19.83 -12.28 -18.98
N HIS B 183 18.88 -12.64 -18.12
CA HIS B 183 18.22 -11.67 -17.26
C HIS B 183 18.91 -11.56 -15.91
N LEU B 184 19.02 -10.33 -15.40
CA LEU B 184 19.75 -10.03 -14.18
C LEU B 184 18.98 -10.31 -12.90
N ILE B 185 19.70 -10.65 -11.83
CA ILE B 185 19.03 -10.69 -10.50
C ILE B 185 19.88 -9.92 -9.51
N TRP B 186 19.25 -9.00 -8.79
CA TRP B 186 19.89 -8.37 -7.67
C TRP B 186 19.29 -8.95 -6.37
N ALA B 187 20.16 -9.49 -5.53
CA ALA B 187 19.72 -10.05 -4.23
C ALA B 187 19.32 -8.91 -3.32
N GLY B 188 18.20 -9.08 -2.60
CA GLY B 188 17.65 -8.00 -1.73
C GLY B 188 17.81 -8.20 -0.22
N PHE B 189 18.21 -9.38 0.22
CA PHE B 189 18.41 -9.57 1.64
C PHE B 189 19.87 -9.63 2.01
N ASP B 190 20.31 -8.57 2.65
CA ASP B 190 21.75 -8.35 2.92
C ASP B 190 22.29 -9.44 3.81
N GLU B 191 21.44 -9.94 4.71
CA GLU B 191 21.83 -10.98 5.65
C GLU B 191 21.94 -12.38 5.02
N MET B 192 21.63 -12.48 3.71
CA MET B 192 21.75 -13.74 3.02
C MET B 192 22.52 -13.49 1.71
N MET B 193 23.44 -12.51 1.78
CA MET B 193 24.11 -12.07 0.57
C MET B 193 24.94 -13.27 0.06
N LEU B 194 25.68 -13.90 0.97
CA LEU B 194 26.64 -14.97 0.60
C LEU B 194 25.93 -16.14 -0.15
N PRO B 195 24.86 -16.76 0.45
CA PRO B 195 24.21 -17.80 -0.36
C PRO B 195 23.63 -17.32 -1.67
N ALA B 196 23.18 -16.08 -1.76
CA ALA B 196 22.66 -15.55 -3.02
C ALA B 196 23.77 -15.33 -4.07
N ALA B 197 24.85 -14.73 -3.61
CA ALA B 197 26.09 -14.73 -4.41
C ALA B 197 26.57 -16.11 -4.89
N SER B 198 26.48 -17.14 -4.03
CA SER B 198 26.89 -18.49 -4.43
C SER B 198 26.09 -18.99 -5.64
N LEU B 199 24.85 -18.50 -5.82
CA LEU B 199 24.01 -18.85 -6.99
C LEU B 199 24.16 -17.93 -8.21
N GLY B 200 25.16 -17.05 -8.20
CA GLY B 200 25.39 -16.22 -9.35
C GLY B 200 24.49 -15.01 -9.61
N VAL B 201 23.90 -14.41 -8.57
CA VAL B 201 23.22 -13.10 -8.71
C VAL B 201 24.20 -12.07 -9.26
N ASP B 202 23.67 -11.06 -9.94
CA ASP B 202 24.48 -10.17 -10.70
C ASP B 202 24.88 -9.01 -9.84
N GLY B 203 24.15 -8.80 -8.75
CA GLY B 203 24.62 -7.85 -7.73
C GLY B 203 23.59 -7.93 -6.60
N ALA B 204 23.51 -6.85 -5.85
CA ALA B 204 22.64 -6.77 -4.66
C ALA B 204 22.25 -5.32 -4.42
N ILE B 205 21.01 -5.14 -3.92
CA ILE B 205 20.44 -3.87 -3.54
C ILE B 205 20.14 -3.95 -2.04
N GLY B 206 20.75 -3.11 -1.20
CA GLY B 206 20.66 -3.31 0.27
C GLY B 206 20.63 -2.02 1.09
N SER B 207 19.75 -2.02 2.11
CA SER B 207 19.64 -0.89 3.05
C SER B 207 20.94 -0.77 3.81
N THR B 208 21.53 -1.90 4.20
CA THR B 208 22.67 -1.80 5.12
C THR B 208 24.01 -1.38 4.44
N PHE B 209 24.02 -1.41 3.12
CA PHE B 209 25.19 -1.04 2.34
C PHE B 209 25.51 0.44 2.50
N ASN B 210 24.51 1.22 2.97
CA ASN B 210 24.70 2.66 3.26
C ASN B 210 25.73 2.88 4.32
N VAL B 211 25.89 1.90 5.23
CA VAL B 211 26.96 1.95 6.25
C VAL B 211 27.95 0.76 6.22
N ASN B 212 27.57 -0.37 5.61
CA ASN B 212 28.40 -1.56 5.67
C ASN B 212 28.85 -1.95 4.23
N GLY B 213 28.93 -0.96 3.34
CA GLY B 213 29.22 -1.24 1.91
C GLY B 213 30.59 -1.89 1.69
N VAL B 214 31.51 -1.67 2.63
CA VAL B 214 32.88 -2.26 2.49
C VAL B 214 32.79 -3.77 2.66
N ARG B 215 32.20 -4.21 3.76
CA ARG B 215 32.00 -5.64 3.98
C ARG B 215 31.19 -6.30 2.89
N ALA B 216 30.10 -5.63 2.47
CA ALA B 216 29.17 -6.22 1.51
C ALA B 216 29.84 -6.51 0.20
N ARG B 217 30.65 -5.53 -0.27
CA ARG B 217 31.46 -5.76 -1.47
C ARG B 217 32.37 -6.99 -1.33
N GLN B 218 33.08 -7.03 -0.21
CA GLN B 218 33.93 -8.16 0.14
C GLN B 218 33.18 -9.48 0.09
N ILE B 219 32.04 -9.59 0.80
CA ILE B 219 31.30 -10.84 0.74
C ILE B 219 31.00 -11.21 -0.69
N PHE B 220 30.55 -10.22 -1.45
CA PHE B 220 30.11 -10.46 -2.84
C PHE B 220 31.27 -10.96 -3.72
N GLU B 221 32.38 -10.23 -3.69
CA GLU B 221 33.54 -10.53 -4.52
C GLU B 221 34.31 -11.79 -4.08
N LEU B 222 34.47 -11.94 -2.78
CA LEU B 222 35.10 -13.16 -2.24
C LEU B 222 34.25 -14.39 -2.59
N THR B 223 32.91 -14.28 -2.47
CA THR B 223 32.05 -15.39 -2.86
C THR B 223 32.14 -15.71 -4.37
N GLN B 224 32.04 -14.69 -5.22
CA GLN B 224 32.20 -14.87 -6.67
C GLN B 224 33.58 -15.44 -7.00
N ALA B 225 34.53 -15.23 -6.12
CA ALA B 225 35.88 -15.74 -6.35
C ALA B 225 36.12 -17.16 -5.83
N GLY B 226 35.11 -17.72 -5.19
CA GLY B 226 35.18 -19.04 -4.54
C GLY B 226 35.92 -19.10 -3.20
N LYS B 227 36.26 -17.93 -2.66
CA LYS B 227 36.90 -17.81 -1.33
C LYS B 227 35.81 -17.81 -0.25
N LEU B 228 35.17 -18.97 -0.04
CA LEU B 228 34.00 -19.02 0.85
C LEU B 228 34.33 -18.94 2.33
N LYS B 229 35.49 -19.45 2.76
CA LYS B 229 35.87 -19.39 4.17
C LYS B 229 35.90 -17.94 4.60
N GLU B 230 36.55 -17.10 3.78
CA GLU B 230 36.70 -15.71 4.11
C GLU B 230 35.40 -14.99 3.95
N ALA B 231 34.69 -15.24 2.87
CA ALA B 231 33.34 -14.64 2.70
C ALA B 231 32.45 -14.90 3.89
N LEU B 232 32.48 -16.14 4.39
CA LEU B 232 31.61 -16.55 5.51
C LEU B 232 31.99 -15.80 6.79
N GLU B 233 33.30 -15.62 7.07
CA GLU B 233 33.68 -14.86 8.28
C GLU B 233 33.05 -13.48 8.20
N ILE B 234 33.14 -12.86 7.03
CA ILE B 234 32.73 -11.47 6.91
C ILE B 234 31.19 -11.39 6.95
N GLN B 235 30.50 -12.39 6.39
CA GLN B 235 29.05 -12.49 6.52
C GLN B 235 28.63 -12.66 7.99
N HIS B 236 29.41 -13.41 8.77
CA HIS B 236 29.09 -13.59 10.19
C HIS B 236 29.17 -12.27 10.94
N VAL B 237 30.22 -11.45 10.71
CA VAL B 237 30.36 -10.15 11.39
C VAL B 237 29.30 -9.20 10.89
N THR B 238 29.01 -9.29 9.59
CA THR B 238 27.99 -8.43 9.01
C THR B 238 26.66 -8.79 9.65
N ASN B 239 26.41 -10.08 9.87
CA ASN B 239 25.12 -10.46 10.45
C ASN B 239 24.99 -10.20 11.94
N ASP B 240 26.11 -10.13 12.64
CA ASP B 240 26.10 -9.60 14.02
C ASP B 240 25.65 -8.13 14.00
N LEU B 241 26.20 -7.38 13.04
CA LEU B 241 25.78 -5.98 12.87
C LEU B 241 24.31 -5.86 12.47
N ILE B 242 23.91 -6.62 11.44
CA ILE B 242 22.53 -6.58 10.97
C ILE B 242 21.54 -6.97 12.08
N GLU B 243 21.86 -8.04 12.82
CA GLU B 243 20.95 -8.45 13.91
C GLU B 243 20.75 -7.28 14.91
N GLY B 244 21.85 -6.62 15.25
CA GLY B 244 21.79 -5.44 16.11
C GLY B 244 20.89 -4.33 15.56
N ILE B 245 21.06 -4.04 14.25
CA ILE B 245 20.33 -2.95 13.56
C ILE B 245 18.87 -3.31 13.55
N LEU B 246 18.55 -4.59 13.20
CA LEU B 246 17.12 -5.01 13.21
C LEU B 246 16.52 -4.89 14.57
N ALA B 247 17.21 -5.38 15.61
CA ALA B 247 16.59 -5.26 16.95
C ALA B 247 16.38 -3.81 17.37
N ASN B 248 17.27 -2.93 16.96
CA ASN B 248 17.25 -1.50 17.37
C ASN B 248 16.31 -0.61 16.54
N GLY B 249 15.79 -1.11 15.42
CA GLY B 249 14.98 -0.31 14.50
C GLY B 249 15.81 -0.09 13.25
N LEU B 250 15.46 -0.85 12.20
CA LEU B 250 16.25 -0.88 10.95
C LEU B 250 16.63 0.49 10.39
N TYR B 251 15.67 1.28 9.93
CA TYR B 251 16.09 2.50 9.21
C TYR B 251 16.66 3.54 10.16
N LEU B 252 16.08 3.67 11.34
CA LEU B 252 16.65 4.64 12.33
C LEU B 252 18.09 4.35 12.69
N THR B 253 18.39 3.06 12.89
CA THR B 253 19.73 2.68 13.25
C THR B 253 20.72 2.87 12.10
N ILE B 254 20.34 2.52 10.87
CA ILE B 254 21.23 2.86 9.75
C ILE B 254 21.49 4.37 9.70
N LYS B 255 20.42 5.17 9.86
CA LYS B 255 20.60 6.63 9.89
C LYS B 255 21.54 7.05 11.04
N GLU B 256 21.43 6.43 12.21
CA GLU B 256 22.22 6.86 13.37
C GLU B 256 23.69 6.53 13.09
N LEU B 257 23.91 5.38 12.49
CA LEU B 257 25.29 4.98 12.10
C LEU B 257 25.93 5.89 11.04
N LEU B 258 25.11 6.41 10.11
CA LEU B 258 25.51 7.50 9.21
C LEU B 258 25.85 8.77 9.98
N LYS B 259 24.93 9.18 10.87
CA LYS B 259 25.14 10.38 11.67
C LYS B 259 26.45 10.32 12.45
N LEU B 260 26.77 9.15 13.00
CA LEU B 260 27.96 8.98 13.78
C LEU B 260 29.20 9.10 12.90
N ASP B 261 29.05 9.06 11.59
CA ASP B 261 30.19 9.33 10.72
C ASP B 261 30.05 10.71 10.11
N GLY B 262 29.31 11.61 10.75
CA GLY B 262 29.12 12.97 10.24
C GLY B 262 28.14 13.17 9.07
N VAL B 263 27.37 12.16 8.70
CA VAL B 263 26.41 12.31 7.61
C VAL B 263 25.07 12.68 8.22
N GLU B 264 24.52 13.81 7.85
CA GLU B 264 23.31 14.33 8.53
C GLU B 264 22.06 13.63 8.01
N ALA B 265 21.91 12.38 8.43
CA ALA B 265 20.90 11.46 7.85
C ALA B 265 19.50 11.73 8.38
N GLY B 266 19.39 12.58 9.37
CA GLY B 266 18.09 13.13 9.77
C GLY B 266 17.17 12.15 10.46
N TYR B 267 15.90 12.49 10.47
CA TYR B 267 14.83 11.69 11.09
C TYR B 267 14.26 10.65 10.15
N CYS B 268 13.43 9.71 10.66
CA CYS B 268 12.56 8.92 9.79
C CYS B 268 11.27 9.68 9.64
N ARG B 269 10.47 9.24 8.66
CA ARG B 269 9.18 9.83 8.24
C ARG B 269 8.03 9.14 8.95
N GLU B 270 7.25 9.91 9.70
CA GLU B 270 6.02 9.29 10.24
C GLU B 270 5.10 8.85 9.10
N PRO B 271 4.35 7.74 9.30
CA PRO B 271 4.15 7.08 10.61
C PRO B 271 5.19 6.01 11.04
N MET B 272 6.36 5.93 10.39
CA MET B 272 7.45 5.25 11.07
C MET B 272 7.84 6.07 12.29
N THR B 273 8.32 5.40 13.35
CA THR B 273 8.92 6.11 14.51
C THR B 273 9.99 7.09 14.01
N LYS B 274 9.80 8.34 14.38
CA LYS B 274 10.63 9.40 13.82
C LYS B 274 12.10 9.46 14.33
N GLU B 275 12.31 9.10 15.59
CA GLU B 275 13.63 9.11 16.17
C GLU B 275 13.77 7.96 17.14
N LEU B 276 15.01 7.56 17.35
CA LEU B 276 15.34 6.53 18.34
C LEU B 276 15.11 7.00 19.76
N SER B 277 14.61 6.12 20.63
CA SER B 277 14.64 6.46 22.04
C SER B 277 16.11 6.58 22.50
N SER B 278 16.33 7.27 23.64
CA SER B 278 17.71 7.51 24.10
C SER B 278 18.55 6.25 24.29
N GLU B 279 17.97 5.21 24.89
CA GLU B 279 18.77 3.98 25.10
C GLU B 279 19.12 3.34 23.74
N LYS B 280 18.24 3.52 22.77
CA LYS B 280 18.55 3.00 21.41
C LYS B 280 19.59 3.84 20.69
N VAL B 281 19.65 5.15 20.99
CA VAL B 281 20.74 5.95 20.48
C VAL B 281 22.04 5.34 21.01
N ALA B 282 22.04 5.00 22.30
CA ALA B 282 23.27 4.46 22.93
C ALA B 282 23.63 3.10 22.35
N PHE B 283 22.62 2.29 22.08
CA PHE B 283 22.83 0.95 21.47
C PHE B 283 23.47 1.13 20.11
N ALA B 284 22.96 2.08 19.33
CA ALA B 284 23.57 2.39 18.03
C ALA B 284 25.05 2.77 18.15
N LYS B 285 25.43 3.54 19.18
CA LYS B 285 26.83 3.91 19.38
C LYS B 285 27.69 2.70 19.65
N GLU B 286 27.14 1.73 20.36
CA GLU B 286 27.85 0.50 20.67
C GLU B 286 28.02 -0.38 19.41
N LEU B 287 27.01 -0.44 18.56
CA LEU B 287 27.20 -1.12 17.23
C LEU B 287 28.29 -0.45 16.41
N LYS B 288 28.29 0.89 16.39
CA LYS B 288 29.38 1.69 15.72
C LYS B 288 30.75 1.28 16.24
N ALA B 289 30.90 1.30 17.56
CA ALA B 289 32.17 0.95 18.13
C ALA B 289 32.54 -0.51 17.82
N LYS B 290 31.57 -1.43 17.91
CA LYS B 290 31.92 -2.83 17.66
C LYS B 290 32.22 -3.19 16.22
N TYR B 291 31.60 -2.53 15.27
CA TYR B 291 31.52 -3.11 13.93
C TYR B 291 31.92 -2.12 12.84
N LEU B 292 31.89 -0.83 13.13
CA LEU B 292 32.11 0.19 12.08
C LEU B 292 33.07 1.26 12.57
N SER B 293 34.09 0.81 13.31
CA SER B 293 35.09 1.71 13.83
C SER B 293 36.38 1.41 13.13
O10 NGF C . -12.48 -5.92 0.52
C10 NGF C . -13.56 -5.34 0.37
C11 NGF C . -13.98 -4.94 -1.04
N5 NGF C . -14.38 -5.11 1.40
C5 NGF C . -15.81 -4.70 1.22
C4 NGF C . -16.34 -3.59 2.13
O4 NGF C . -15.86 -3.78 3.50
C3 NGF C . -16.36 -2.17 1.43
C6 NGF C . -16.88 -5.77 1.32
O6 NGF C . -18.14 -5.04 1.14
C2 NGF C . -15.18 -1.41 1.93
O2 NGF C . -14.72 -1.83 2.88
C1 NGF C . -14.57 -0.25 1.38
O1 NGF C . -15.03 0.40 0.45
O3 NGF C . -13.53 0.11 1.94
C7 NGF C . -16.73 -6.77 0.18
O7 NGF C . -16.59 -5.98 -1.03
C8 NGF C . -17.89 -7.75 0.04
O8 NGF C . -18.26 -8.25 1.35
C9 NGF C . -17.55 -8.91 -0.89
O9 NGF C . -16.32 -9.46 -0.43
O5 NGF C . -14.06 -3.53 -1.32
C7 ME2 D . 4.46 -11.06 6.01
C6 ME2 D . 3.08 -10.92 5.38
O3 ME2 D . 3.04 -10.45 4.02
C5 ME2 D . 2.29 -9.24 3.86
C4 ME2 D . 1.14 -9.41 2.90
O2 ME2 D . 0.07 -8.51 3.20
C3 ME2 D . -1.21 -8.99 2.75
C2 ME2 D . -2.13 -9.39 3.87
O1 ME2 D . -3.02 -10.46 3.51
C1 ME2 D . -2.81 -11.64 4.27
C7 ME2 E . -14.01 18.89 17.67
C6 ME2 E . -14.77 17.71 18.27
O3 ME2 E . -15.98 17.31 17.59
C5 ME2 E . -15.88 17.02 16.19
C4 ME2 E . -16.49 18.17 15.39
O2 ME2 E . -16.12 18.10 14.01
C3 ME2 E . -15.53 19.28 13.46
C2 ME2 E . -14.47 19.88 14.39
O1 ME2 E . -13.16 19.92 13.82
C1 ME2 E . -12.28 20.61 14.71
C7 ME2 F . -18.24 -8.36 -29.56
C6 ME2 F . -18.36 -6.85 -29.46
O3 ME2 F . -19.09 -6.47 -28.28
C5 ME2 F . -19.03 -5.07 -27.99
C4 ME2 F . -18.76 -4.76 -26.50
O2 ME2 F . -17.97 -5.75 -25.82
C3 ME2 F . -17.41 -5.32 -24.57
C2 ME2 F . -16.04 -4.65 -24.73
O1 ME2 F . -14.91 -5.55 -24.70
C1 ME2 F . -13.76 -5.02 -24.06
C7 ME2 G . -8.43 -12.31 19.37
C6 ME2 G . -9.90 -12.63 19.56
O3 ME2 G . -10.43 -12.49 20.91
C5 ME2 G . -9.52 -12.05 21.93
C4 ME2 G . -10.01 -12.43 23.30
O2 ME2 G . -8.89 -12.48 24.15
C3 ME2 G . -8.55 -11.17 24.61
C2 ME2 G . -7.18 -11.24 25.27
O1 ME2 G . -6.65 -9.92 25.16
C1 ME2 G . -6.44 -9.31 26.43
C7 ME2 H . -9.64 -14.05 -7.77
C6 ME2 H . -11.07 -13.66 -8.07
O3 ME2 H . -11.51 -14.38 -9.26
C5 ME2 H . -12.49 -13.69 -10.05
C4 ME2 H . -11.75 -12.67 -10.91
O2 ME2 H . -12.50 -12.23 -12.05
C3 ME2 H . -11.63 -11.85 -13.14
C2 ME2 H . -11.45 -12.99 -14.15
O1 ME2 H . -10.54 -12.55 -15.19
C1 ME2 H . -10.88 -12.85 -16.57
O10 NGF I . 12.57 -4.59 3.11
C10 NGF I . 13.70 -4.18 2.93
C11 NGF I . 14.26 -3.06 3.82
N5 NGF I . 14.51 -4.68 2.01
C5 NGF I . 15.91 -4.27 1.92
C4 NGF I . 16.44 -4.17 0.49
O4 NGF I . 16.05 -5.33 -0.31
C3 NGF I . 16.40 -2.74 -0.09
C6 NGF I . 16.98 -5.12 2.65
O6 NGF I . 18.30 -4.53 2.38
C2 NGF I . 15.14 -2.46 -0.79
O2 NGF I . 14.54 -3.33 -1.13
C1 NGF I . 14.51 -1.23 -1.01
O1 NGF I . 13.58 -1.28 -1.84
O3 NGF I . 14.86 -0.18 -0.46
C7 NGF I . 16.75 -5.26 4.16
O7 NGF I . 16.62 -3.94 4.74
C8 NGF I . 17.93 -5.92 4.84
O8 NGF I . 18.24 -7.21 4.27
C9 NGF I . 17.61 -6.07 6.31
O9 NGF I . 16.68 -7.13 6.40
O5 NGF I . 14.14 -1.80 3.16
C7 ME2 J . 7.95 -24.21 -11.64
C6 ME2 J . 9.35 -24.60 -11.16
O3 ME2 J . 9.97 -23.53 -10.43
C5 ME2 J . 9.63 -23.55 -9.05
C4 ME2 J . 10.23 -22.41 -8.24
O2 ME2 J . 9.21 -22.17 -7.25
C3 ME2 J . 8.68 -20.85 -7.28
C2 ME2 J . 7.16 -20.86 -7.06
O1 ME2 J . 6.73 -19.74 -6.27
C1 ME2 J . 7.03 -18.42 -6.74
C7 ME2 K . 18.00 -3.81 21.73
C6 ME2 K . 17.78 -2.35 21.35
O3 ME2 K . 18.27 -1.46 22.37
C5 ME2 K . 17.69 -1.61 23.68
C4 ME2 K . 17.37 -0.29 24.37
O2 ME2 K . 15.94 -0.23 24.56
C3 ME2 K . 15.50 0.77 25.47
C2 ME2 K . 14.03 1.06 25.25
O1 ME2 K . 13.91 2.36 24.65
C1 ME2 K . 12.76 2.34 23.77
C7 ME2 L . 24.29 -8.44 17.92
C6 ME2 L . 24.54 -7.04 18.49
O3 ME2 L . 25.76 -6.87 19.25
C5 ME2 L . 25.54 -6.12 20.45
C4 ME2 L . 26.03 -4.67 20.34
O2 ME2 L . 25.56 -3.85 21.41
C3 ME2 L . 26.54 -3.79 22.46
C2 ME2 L . 26.11 -3.15 23.77
O1 ME2 L . 27.25 -2.40 24.23
C1 ME2 L . 28.02 -2.99 25.28
#